data_4EGY
#
_entry.id   4EGY
#
_cell.length_a   139.730
_cell.length_b   42.520
_cell.length_c   67.580
_cell.angle_alpha   90.00
_cell.angle_beta   114.43
_cell.angle_gamma   90.00
#
_symmetry.space_group_name_H-M   'C 1 2 1'
#
loop_
_entity.id
_entity.type
_entity.pdbx_description
1 polymer 'Arabinose metabolism transcriptional repressor'
2 polymer "5'-D(*TP*AP*AP*TP*AP*TP*TP*TP*GP*TP*AP*CP*GP*AP*AP*CP*AP*AP*TP*TP*T)-3'"
3 polymer "5'-D(*AP*AP*AP*AP*TP*TP*GP*TP*TP*CP*GP*TP*AP*CP*AP*AP*AP*TP*AP*TP*T)-3'"
4 non-polymer 'ACETATE ION'
5 non-polymer 'CALCIUM ION'
6 water water
#
loop_
_entity_poly.entity_id
_entity_poly.type
_entity_poly.pdbx_seq_one_letter_code
_entity_poly.pdbx_strand_id
1 'polypeptide(L)'
;MHHHHHHLEVLFQGPLGSEFMLPKYAQVKEEISSWINQGKILPDQKIPTENELMQQFGVSRHTIRKAIGDLVSQGLLYSV
QGGGTFVA
;
A,B
2 'polydeoxyribonucleotide'
;(DT)(DA)(DA)(DT)(DA)(DT)(DT)(DT)(DG)(DT)(DA)(DC)(DG)(DA)(DA)(DC)(DA)(DA)(DT)(DT)
(DT)
;
T
3 'polydeoxyribonucleotide'
;(DA)(DA)(DA)(DA)(DT)(DT)(DG)(DT)(DT)(DC)(DG)(DT)(DA)(DC)(DA)(DA)(DA)(DT)(DA)(DT)
(DT)
;
U
#
# COMPACT_ATOMS: atom_id res chain seq x y z
N LEU A 8 -17.15 -11.86 -12.34
CA LEU A 8 -16.43 -10.78 -13.04
C LEU A 8 -17.00 -9.38 -12.76
N GLU A 9 -16.31 -8.61 -11.94
CA GLU A 9 -16.74 -7.26 -11.60
C GLU A 9 -16.12 -6.23 -12.54
N VAL A 10 -16.91 -5.21 -12.86
CA VAL A 10 -16.57 -4.25 -13.91
C VAL A 10 -15.80 -3.00 -13.39
N LEU A 11 -14.89 -2.49 -14.22
CA LEU A 11 -14.16 -1.25 -13.92
C LEU A 11 -14.73 -0.07 -14.69
N PHE A 12 -14.78 1.08 -14.05
CA PHE A 12 -15.31 2.30 -14.66
C PHE A 12 -14.20 2.92 -15.51
N GLN A 13 -13.09 2.21 -15.62
CA GLN A 13 -11.83 2.79 -16.05
C GLN A 13 -11.82 3.53 -17.37
N GLY A 14 -11.41 4.80 -17.28
CA GLY A 14 -11.04 5.65 -18.39
C GLY A 14 -11.10 7.07 -17.88
N PRO A 15 -10.46 8.00 -18.60
CA PRO A 15 -10.62 9.44 -18.35
C PRO A 15 -10.61 9.91 -16.88
N LEU A 16 -9.44 9.88 -16.22
CA LEU A 16 -9.29 10.53 -14.91
C LEU A 16 -9.40 12.05 -15.08
N GLY A 17 -9.42 12.48 -16.34
CA GLY A 17 -9.46 13.89 -16.68
C GLY A 17 -10.60 14.70 -16.07
N SER A 18 -11.74 14.06 -15.80
CA SER A 18 -12.86 14.75 -15.19
C SER A 18 -13.56 13.95 -14.10
N GLU A 19 -13.60 14.52 -12.90
CA GLU A 19 -14.48 14.04 -11.84
C GLU A 19 -14.37 12.56 -11.48
N PHE A 20 -15.43 11.82 -11.80
CA PHE A 20 -15.75 10.52 -11.22
C PHE A 20 -14.67 9.44 -11.19
N MET A 21 -13.64 9.57 -12.03
CA MET A 21 -12.61 8.55 -12.14
C MET A 21 -11.77 8.28 -10.87
N LEU A 22 -11.67 7.01 -10.50
CA LEU A 22 -10.78 6.55 -9.44
C LEU A 22 -9.74 5.60 -10.02
N PRO A 23 -8.57 5.54 -9.39
CA PRO A 23 -7.58 4.53 -9.80
C PRO A 23 -8.16 3.13 -9.62
N LYS A 24 -7.72 2.19 -10.44
CA LYS A 24 -8.20 0.80 -10.39
C LYS A 24 -8.07 0.14 -9.01
N TYR A 25 -6.97 0.41 -8.31
CA TYR A 25 -6.76 -0.19 -7.00
C TYR A 25 -7.81 0.32 -6.00
N ALA A 26 -8.24 1.57 -6.19
CA ALA A 26 -9.28 2.18 -5.34
C ALA A 26 -10.67 1.60 -5.64
N GLN A 27 -10.93 1.33 -6.91
CA GLN A 27 -12.17 0.67 -7.30
C GLN A 27 -12.26 -0.76 -6.76
N VAL A 28 -11.17 -1.52 -6.91
CA VAL A 28 -11.15 -2.86 -6.34
C VAL A 28 -11.35 -2.78 -4.83
N LYS A 29 -10.66 -1.83 -4.21
CA LYS A 29 -10.81 -1.57 -2.77
C LYS A 29 -12.27 -1.36 -2.35
N GLU A 30 -12.99 -0.46 -3.03
CA GLU A 30 -14.40 -0.21 -2.77
C GLU A 30 -15.26 -1.48 -2.83
N GLU A 31 -15.09 -2.27 -3.89
CA GLU A 31 -15.81 -3.54 -4.01
C GLU A 31 -15.59 -4.42 -2.79
N ILE A 32 -14.34 -4.85 -2.58
CA ILE A 32 -14.02 -5.76 -1.47
C ILE A 32 -14.60 -5.23 -0.17
N SER A 33 -14.35 -3.96 0.14
CA SER A 33 -14.86 -3.40 1.38
C SER A 33 -16.38 -3.42 1.43
N SER A 34 -17.02 -3.23 0.28
CA SER A 34 -18.47 -3.24 0.21
C SER A 34 -18.98 -4.67 0.47
N TRP A 35 -18.25 -5.66 0.00
CA TRP A 35 -18.53 -7.05 0.36
C TRP A 35 -18.56 -7.25 1.88
N ILE A 36 -17.65 -6.58 2.58
CA ILE A 36 -17.48 -6.78 4.02
C ILE A 36 -18.67 -6.29 4.87
N ASN A 37 -19.01 -5.01 4.76
CA ASN A 37 -20.06 -4.49 5.62
C ASN A 37 -21.47 -4.83 5.15
N GLN A 38 -21.61 -5.17 3.87
CA GLN A 38 -22.85 -5.73 3.36
C GLN A 38 -23.02 -7.15 3.86
N GLY A 39 -22.01 -7.67 4.53
CA GLY A 39 -22.08 -8.98 5.15
C GLY A 39 -21.98 -10.14 4.18
N LYS A 40 -21.59 -9.86 2.94
CA LYS A 40 -21.36 -10.93 1.96
C LYS A 40 -20.25 -11.90 2.40
N ILE A 41 -19.28 -11.40 3.18
CA ILE A 41 -18.36 -12.29 3.90
C ILE A 41 -18.15 -11.80 5.34
N LEU A 42 -18.21 -12.73 6.28
CA LEU A 42 -18.15 -12.38 7.70
C LEU A 42 -16.75 -12.56 8.28
N PRO A 43 -16.56 -12.16 9.55
CA PRO A 43 -15.24 -12.23 10.18
C PRO A 43 -14.62 -13.64 10.17
N ASP A 44 -13.33 -13.69 9.91
CA ASP A 44 -12.56 -14.93 9.81
C ASP A 44 -13.07 -15.84 8.70
N GLN A 45 -13.79 -15.26 7.74
CA GLN A 45 -14.14 -15.96 6.51
C GLN A 45 -13.13 -15.56 5.44
N LYS A 46 -12.77 -16.50 4.58
CA LYS A 46 -11.73 -16.23 3.58
C LYS A 46 -12.28 -15.51 2.38
N ILE A 47 -11.55 -14.52 1.86
CA ILE A 47 -11.93 -13.88 0.62
C ILE A 47 -11.26 -14.60 -0.54
N PRO A 48 -11.56 -14.21 -1.79
CA PRO A 48 -10.97 -15.00 -2.86
C PRO A 48 -9.47 -14.75 -2.99
N THR A 49 -8.78 -15.72 -3.56
CA THR A 49 -7.33 -15.65 -3.66
C THR A 49 -6.91 -14.50 -4.56
N GLU A 50 -5.66 -14.09 -4.42
CA GLU A 50 -5.15 -13.00 -5.26
C GLU A 50 -5.32 -13.34 -6.72
N ASN A 51 -5.25 -14.63 -7.03
CA ASN A 51 -5.35 -15.05 -8.42
C ASN A 51 -6.79 -14.98 -8.94
N GLU A 52 -7.74 -15.31 -8.07
CA GLU A 52 -9.14 -15.25 -8.44
C GLU A 52 -9.57 -13.80 -8.61
N LEU A 53 -9.09 -12.94 -7.72
CA LEU A 53 -9.36 -11.51 -7.79
C LEU A 53 -8.81 -10.91 -9.07
N MET A 54 -7.62 -11.36 -9.49
CA MET A 54 -6.99 -10.87 -10.71
C MET A 54 -7.88 -11.09 -11.92
N GLN A 55 -8.40 -12.31 -12.00
CA GLN A 55 -9.20 -12.75 -13.12
C GLN A 55 -10.55 -12.05 -13.11
N GLN A 56 -11.17 -11.99 -11.94
CA GLN A 56 -12.50 -11.42 -11.80
C GLN A 56 -12.57 -9.90 -11.99
N PHE A 57 -11.54 -9.15 -11.58
CA PHE A 57 -11.49 -7.72 -11.81
C PHE A 57 -10.77 -7.34 -13.10
N GLY A 58 -10.14 -8.30 -13.74
CA GLY A 58 -9.36 -8.02 -14.94
C GLY A 58 -8.15 -7.10 -14.73
N VAL A 59 -7.50 -7.18 -13.56
CA VAL A 59 -6.32 -6.37 -13.27
C VAL A 59 -5.08 -7.19 -12.79
N SER A 60 -3.93 -6.54 -12.76
CA SER A 60 -2.68 -7.21 -12.40
C SER A 60 -2.68 -7.64 -10.94
N ARG A 61 -1.80 -8.58 -10.60
CA ARG A 61 -1.64 -8.97 -9.19
C ARG A 61 -1.19 -7.75 -8.37
N HIS A 62 -0.24 -7.00 -8.92
CA HIS A 62 0.23 -5.77 -8.27
C HIS A 62 -0.93 -4.89 -7.82
N THR A 63 -1.93 -4.71 -8.68
CA THR A 63 -3.08 -3.88 -8.34
C THR A 63 -3.95 -4.51 -7.25
N ILE A 64 -4.15 -5.83 -7.32
CA ILE A 64 -4.87 -6.53 -6.25
C ILE A 64 -4.14 -6.40 -4.92
N ARG A 65 -2.82 -6.59 -4.94
CA ARG A 65 -2.06 -6.54 -3.69
C ARG A 65 -2.09 -5.15 -3.06
N LYS A 66 -2.08 -4.11 -3.88
CA LYS A 66 -2.21 -2.75 -3.36
C LYS A 66 -3.57 -2.56 -2.69
N ALA A 67 -4.62 -3.02 -3.36
CA ALA A 67 -5.94 -2.84 -2.76
C ALA A 67 -6.00 -3.58 -1.43
N ILE A 68 -5.58 -4.84 -1.44
CA ILE A 68 -5.61 -5.61 -0.20
C ILE A 68 -4.68 -5.02 0.85
N GLY A 69 -3.46 -4.67 0.45
CA GLY A 69 -2.50 -4.11 1.36
C GLY A 69 -3.07 -2.92 2.11
N ASP A 70 -3.88 -2.12 1.41
CA ASP A 70 -4.48 -0.94 2.04
C ASP A 70 -5.52 -1.33 3.07
N LEU A 71 -6.38 -2.29 2.71
CA LEU A 71 -7.50 -2.68 3.57
C LEU A 71 -6.96 -3.41 4.81
N VAL A 72 -5.88 -4.16 4.65
CA VAL A 72 -5.23 -4.78 5.80
C VAL A 72 -4.75 -3.69 6.76
N SER A 73 -4.17 -2.62 6.22
CA SER A 73 -3.62 -1.56 7.07
C SER A 73 -4.72 -0.74 7.72
N GLN A 74 -5.91 -0.75 7.12
CA GLN A 74 -7.08 -0.14 7.75
C GLN A 74 -7.59 -1.04 8.85
N GLY A 75 -7.25 -2.32 8.74
CA GLY A 75 -7.57 -3.27 9.77
C GLY A 75 -8.90 -4.01 9.62
N LEU A 76 -9.47 -4.03 8.43
CA LEU A 76 -10.61 -4.93 8.21
C LEU A 76 -10.28 -6.25 7.50
N LEU A 77 -9.03 -6.43 7.13
CA LEU A 77 -8.58 -7.73 6.61
C LEU A 77 -7.30 -8.14 7.32
N TYR A 78 -7.01 -9.44 7.35
CA TYR A 78 -5.70 -9.90 7.77
C TYR A 78 -5.30 -11.08 6.89
N SER A 79 -4.00 -11.24 6.70
CA SER A 79 -3.48 -12.24 5.79
C SER A 79 -2.59 -13.22 6.54
N VAL A 80 -2.56 -14.45 6.03
CA VAL A 80 -1.65 -15.46 6.52
C VAL A 80 -0.93 -16.03 5.31
N GLN A 81 0.38 -15.82 5.25
CA GLN A 81 1.16 -16.28 4.12
C GLN A 81 0.92 -17.78 3.90
N GLY A 82 0.54 -18.11 2.67
CA GLY A 82 0.26 -19.47 2.28
C GLY A 82 -1.14 -19.95 2.65
N GLY A 83 -1.79 -19.28 3.60
CA GLY A 83 -3.19 -19.58 3.91
C GLY A 83 -4.27 -18.89 3.10
N GLY A 84 -4.22 -17.56 3.06
CA GLY A 84 -5.23 -16.74 2.43
C GLY A 84 -5.44 -15.40 3.12
N THR A 85 -6.46 -14.65 2.70
CA THR A 85 -6.79 -13.36 3.30
C THR A 85 -8.23 -13.40 3.85
N PHE A 86 -8.44 -12.81 5.02
CA PHE A 86 -9.67 -13.03 5.80
C PHE A 86 -10.27 -11.74 6.34
N VAL A 87 -11.61 -11.69 6.41
CA VAL A 87 -12.32 -10.57 7.06
C VAL A 87 -11.90 -10.46 8.52
N ALA A 88 -11.47 -9.27 8.93
CA ALA A 88 -11.05 -9.06 10.31
C ALA A 88 -12.24 -8.97 11.26
N GLU B 19 15.81 -14.88 14.61
CA GLU B 19 16.81 -14.41 13.67
C GLU B 19 16.91 -12.89 13.66
N PHE B 20 18.01 -12.37 13.12
CA PHE B 20 18.19 -10.94 13.02
C PHE B 20 17.81 -10.41 11.63
N MET B 21 17.44 -11.32 10.74
CA MET B 21 17.06 -10.97 9.37
C MET B 21 15.70 -10.24 9.26
N LEU B 22 15.71 -9.14 8.52
CA LEU B 22 14.51 -8.40 8.16
C LEU B 22 14.56 -8.15 6.67
N PRO B 23 13.39 -8.11 6.03
CA PRO B 23 13.38 -7.89 4.59
C PRO B 23 13.92 -6.50 4.29
N LYS B 24 14.36 -6.30 3.06
CA LYS B 24 15.02 -5.06 2.68
C LYS B 24 14.16 -3.82 2.92
N TYR B 25 12.85 -3.94 2.66
CA TYR B 25 11.95 -2.79 2.80
C TYR B 25 11.80 -2.40 4.26
N ALA B 26 11.89 -3.40 5.13
CA ALA B 26 11.82 -3.17 6.58
C ALA B 26 13.08 -2.44 7.06
N GLN B 27 14.21 -2.73 6.42
CA GLN B 27 15.46 -2.11 6.83
C GLN B 27 15.54 -0.69 6.31
N VAL B 28 15.01 -0.46 5.10
CA VAL B 28 15.03 0.90 4.57
C VAL B 28 14.14 1.71 5.50
N LYS B 29 13.05 1.08 5.89
CA LYS B 29 12.07 1.67 6.79
C LYS B 29 12.72 2.09 8.12
N GLU B 30 13.43 1.16 8.75
CA GLU B 30 14.18 1.45 9.98
C GLU B 30 15.08 2.69 9.88
N GLU B 31 15.92 2.73 8.86
CA GLU B 31 16.88 3.81 8.68
C GLU B 31 16.19 5.16 8.57
N ILE B 32 15.21 5.25 7.67
CA ILE B 32 14.48 6.50 7.48
C ILE B 32 13.83 6.92 8.80
N SER B 33 13.17 5.98 9.45
CA SER B 33 12.53 6.27 10.72
C SER B 33 13.50 6.86 11.72
N SER B 34 14.66 6.23 11.84
CA SER B 34 15.65 6.70 12.81
C SER B 34 15.99 8.15 12.52
N TRP B 35 16.14 8.50 11.24
CA TRP B 35 16.40 9.89 10.84
C TRP B 35 15.38 10.81 11.49
N ILE B 36 14.11 10.45 11.35
CA ILE B 36 13.02 11.28 11.83
C ILE B 36 13.07 11.53 13.33
N ASN B 37 13.25 10.46 14.10
CA ASN B 37 13.20 10.61 15.55
C ASN B 37 14.52 11.08 16.18
N GLN B 38 15.60 11.07 15.39
CA GLN B 38 16.86 11.68 15.82
C GLN B 38 16.93 13.15 15.40
N GLY B 39 15.84 13.63 14.79
CA GLY B 39 15.75 15.02 14.39
C GLY B 39 16.74 15.46 13.34
N LYS B 40 17.18 14.53 12.49
CA LYS B 40 18.04 14.89 11.37
C LYS B 40 17.23 15.54 10.25
N ILE B 41 15.93 15.24 10.23
CA ILE B 41 14.96 15.99 9.42
C ILE B 41 13.76 16.36 10.27
N LEU B 42 13.48 17.66 10.38
CA LEU B 42 12.35 18.16 11.15
C LEU B 42 11.06 18.17 10.31
N PRO B 43 9.91 18.31 10.98
CA PRO B 43 8.59 18.38 10.32
C PRO B 43 8.54 19.34 9.14
N ASP B 44 7.81 18.94 8.10
CA ASP B 44 7.65 19.73 6.88
C ASP B 44 8.98 19.92 6.16
N GLN B 45 9.91 19.01 6.42
CA GLN B 45 11.22 19.02 5.80
C GLN B 45 11.31 17.82 4.88
N LYS B 46 12.14 17.90 3.86
CA LYS B 46 12.14 16.91 2.79
C LYS B 46 13.16 15.81 2.98
N ILE B 47 12.78 14.57 2.68
CA ILE B 47 13.75 13.49 2.68
C ILE B 47 14.30 13.32 1.26
N PRO B 48 15.31 12.45 1.08
CA PRO B 48 15.85 12.33 -0.27
C PRO B 48 14.78 11.83 -1.22
N THR B 49 14.96 12.07 -2.52
CA THR B 49 13.99 11.63 -3.50
C THR B 49 14.09 10.12 -3.62
N GLU B 50 13.21 9.54 -4.41
CA GLU B 50 13.21 8.08 -4.55
C GLU B 50 14.44 7.63 -5.33
N ASN B 51 14.87 8.44 -6.28
CA ASN B 51 16.07 8.10 -7.05
C ASN B 51 17.28 8.06 -6.15
N GLU B 52 17.28 8.92 -5.15
CA GLU B 52 18.43 9.06 -4.27
C GLU B 52 18.43 7.92 -3.26
N LEU B 53 17.26 7.69 -2.66
CA LEU B 53 17.04 6.58 -1.74
C LEU B 53 17.45 5.25 -2.35
N MET B 54 17.21 5.06 -3.64
CA MET B 54 17.51 3.77 -4.26
C MET B 54 19.01 3.60 -4.56
N GLN B 55 19.67 4.69 -4.94
CA GLN B 55 21.10 4.61 -5.17
C GLN B 55 21.84 4.45 -3.83
N GLN B 56 21.31 5.06 -2.77
CA GLN B 56 21.94 5.00 -1.46
C GLN B 56 21.77 3.67 -0.72
N PHE B 57 20.59 3.06 -0.82
CA PHE B 57 20.38 1.73 -0.24
C PHE B 57 20.73 0.59 -1.22
N GLY B 58 20.92 0.94 -2.49
CA GLY B 58 21.17 -0.07 -3.50
C GLY B 58 20.01 -1.06 -3.65
N VAL B 59 18.79 -0.54 -3.63
CA VAL B 59 17.59 -1.36 -3.84
C VAL B 59 16.68 -0.75 -4.90
N SER B 60 15.58 -1.44 -5.19
CA SER B 60 14.71 -1.04 -6.28
C SER B 60 13.82 0.13 -5.88
N ARG B 61 13.34 0.87 -6.87
CA ARG B 61 12.30 1.87 -6.61
C ARG B 61 11.09 1.25 -5.88
N HIS B 62 10.66 0.08 -6.36
CA HIS B 62 9.57 -0.65 -5.72
C HIS B 62 9.81 -0.80 -4.21
N THR B 63 11.01 -1.23 -3.84
CA THR B 63 11.33 -1.47 -2.43
C THR B 63 11.24 -0.15 -1.69
N ILE B 64 11.86 0.89 -2.26
CA ILE B 64 11.82 2.21 -1.64
C ILE B 64 10.37 2.71 -1.47
N ARG B 65 9.56 2.54 -2.50
CA ARG B 65 8.15 2.97 -2.44
C ARG B 65 7.36 2.20 -1.39
N LYS B 66 7.62 0.89 -1.29
CA LYS B 66 7.03 0.07 -0.23
C LYS B 66 7.35 0.61 1.15
N ALA B 67 8.62 0.92 1.41
CA ALA B 67 9.00 1.47 2.72
C ALA B 67 8.32 2.80 3.01
N ILE B 68 8.44 3.72 2.07
CA ILE B 68 7.81 5.02 2.26
C ILE B 68 6.27 4.93 2.43
N GLY B 69 5.62 4.11 1.62
CA GLY B 69 4.19 3.86 1.76
C GLY B 69 3.77 3.44 3.17
N ASP B 70 4.51 2.51 3.77
CA ASP B 70 4.22 2.11 5.14
C ASP B 70 4.29 3.29 6.11
N LEU B 71 5.33 4.11 5.98
CA LEU B 71 5.58 5.22 6.91
C LEU B 71 4.58 6.37 6.73
N VAL B 72 4.12 6.56 5.50
CA VAL B 72 3.04 7.50 5.27
C VAL B 72 1.82 6.96 5.99
N SER B 73 1.56 5.67 5.80
CA SER B 73 0.38 5.04 6.36
C SER B 73 0.38 5.08 7.87
N GLN B 74 1.54 5.19 8.49
CA GLN B 74 1.60 5.25 9.95
C GLN B 74 1.69 6.67 10.48
N GLY B 75 1.65 7.65 9.58
CA GLY B 75 1.59 9.04 9.98
C GLY B 75 2.92 9.76 10.15
N LEU B 76 4.01 9.07 9.82
CA LEU B 76 5.35 9.65 9.97
C LEU B 76 5.73 10.58 8.83
N LEU B 77 5.21 10.29 7.63
CA LEU B 77 5.55 11.07 6.45
C LEU B 77 4.31 11.46 5.67
N TYR B 78 4.42 12.50 4.85
CA TYR B 78 3.41 12.76 3.81
C TYR B 78 4.11 12.99 2.48
N SER B 79 3.39 12.76 1.38
CA SER B 79 3.96 12.93 0.06
C SER B 79 3.13 13.88 -0.80
N VAL B 80 3.80 14.56 -1.73
CA VAL B 80 3.13 15.41 -2.71
C VAL B 80 3.63 15.00 -4.07
N GLN B 81 2.72 14.49 -4.91
CA GLN B 81 3.11 14.07 -6.25
C GLN B 81 3.85 15.23 -6.93
N GLY B 82 5.04 14.94 -7.47
CA GLY B 82 5.85 15.91 -8.16
C GLY B 82 6.62 16.84 -7.24
N GLY B 83 6.15 17.00 -6.00
CA GLY B 83 6.92 17.77 -5.04
C GLY B 83 8.05 17.05 -4.33
N GLY B 84 7.71 15.95 -3.66
CA GLY B 84 8.63 15.23 -2.79
C GLY B 84 7.96 14.56 -1.60
N THR B 85 8.77 14.02 -0.69
CA THR B 85 8.26 13.42 0.53
C THR B 85 8.85 14.10 1.77
N PHE B 86 8.02 14.27 2.79
CA PHE B 86 8.34 15.16 3.90
C PHE B 86 8.08 14.55 5.27
N VAL B 87 8.87 14.96 6.27
CA VAL B 87 8.56 14.66 7.66
C VAL B 87 7.24 15.28 8.04
N ALA B 88 6.33 14.48 8.57
CA ALA B 88 5.09 15.02 9.12
C ALA B 88 5.31 15.44 10.56
#